data_6AH9
#
_entry.id   6AH9
#
_cell.length_a   77.212
_cell.length_b   77.245
_cell.length_c   85.207
_cell.angle_alpha   90.00
_cell.angle_beta   90.00
_cell.angle_gamma   90.00
#
_symmetry.space_group_name_H-M   'I 2 2 2'
#
loop_
_entity.id
_entity.type
_entity.pdbx_description
1 polymer 'Enoyl-[acyl-carrier-protein] reductase [NADH]'
2 non-polymer NICOTINAMIDE-ADENINE-DINUCLEOTIDE
3 non-polymer TRICLOSAN
4 water water
#
_entity_poly.entity_id   1
_entity_poly.type   'polypeptide(L)'
_entity_poly.pdbx_seq_one_letter_code
;MTQGLLAGKRFLIAGVASKLSIAYGIAQALHREGAELAFTYPNEKLKKRVDEFAEQFGSKLVFPCDVAVDAEIDNAFAEL
AKHWDGVDGVVHSIGFAPAHTLDGDFTDVTDRDGFKIAHDISAYSFVAMARAAKPLLQARQGCLLTLTYQGSERVMPNYN
VMGMAKASLEAGVRYLASSLGVDGIRVNAISAGPIRTLAASGIKSFRKMLDANEKVAPLKRNVTIEEVGNAALFLCSPWA
SGITGEILYVDAGFNTVGMSQSMMDDE
;
_entity_poly.pdbx_strand_id   A
#
loop_
_chem_comp.id
_chem_comp.type
_chem_comp.name
_chem_comp.formula
NAD non-polymer NICOTINAMIDE-ADENINE-DINUCLEOTIDE 'C21 H27 N7 O14 P2'
TCL non-polymer TRICLOSAN 'C12 H7 Cl3 O2'
#
# COMPACT_ATOMS: atom_id res chain seq x y z
N GLN A 3 -17.44 17.86 5.65
CA GLN A 3 -16.01 17.93 5.24
C GLN A 3 -15.26 17.72 6.54
N GLY A 4 -15.37 16.49 7.02
CA GLY A 4 -14.85 16.12 8.32
C GLY A 4 -13.84 15.58 9.32
N LEU A 5 -12.82 14.95 8.77
CA LEU A 5 -11.53 14.82 9.49
C LEU A 5 -10.30 15.28 8.72
N LEU A 6 -10.36 15.23 7.38
CA LEU A 6 -9.27 15.57 6.50
C LEU A 6 -9.63 16.76 5.57
N ALA A 7 -10.49 17.64 6.08
CA ALA A 7 -10.88 18.86 5.34
C ALA A 7 -9.64 19.65 4.98
N GLY A 8 -9.47 19.96 3.70
CA GLY A 8 -8.37 20.83 3.25
C GLY A 8 -7.06 20.12 2.98
N LYS A 9 -7.06 18.79 3.19
CA LYS A 9 -5.81 17.98 3.11
C LYS A 9 -5.73 17.31 1.77
N ARG A 10 -4.50 16.96 1.37
CA ARG A 10 -4.24 16.46 0.02
C ARG A 10 -3.41 15.22 0.09
N PHE A 11 -3.79 14.15 -0.64
CA PHE A 11 -3.10 12.89 -0.59
C PHE A 11 -2.86 12.37 -2.01
N LEU A 12 -1.66 11.87 -2.24
CA LEU A 12 -1.38 11.11 -3.48
C LEU A 12 -1.59 9.61 -3.23
N ILE A 13 -2.24 8.94 -4.18
CA ILE A 13 -2.57 7.52 -4.06
C ILE A 13 -1.96 6.77 -5.23
N ALA A 14 -1.02 5.86 -4.89
CA ALA A 14 -0.40 5.05 -5.92
C ALA A 14 -0.83 3.61 -5.69
N GLY A 15 -1.40 3.00 -6.72
CA GLY A 15 -1.85 1.62 -6.66
C GLY A 15 -3.28 1.28 -7.10
N VAL A 16 -4.05 2.24 -7.62
CA VAL A 16 -5.42 1.92 -8.03
C VAL A 16 -5.32 1.13 -9.36
N ALA A 17 -5.85 -0.10 -9.37
CA ALA A 17 -6.02 -0.86 -10.64
C ALA A 17 -7.51 -1.07 -11.04
N SER A 18 -8.36 -1.27 -10.04
CA SER A 18 -9.80 -1.41 -10.24
C SER A 18 -10.53 -0.90 -9.02
N LYS A 19 -11.86 -0.92 -9.03
CA LYS A 19 -12.60 -0.49 -7.88
C LYS A 19 -12.53 -1.52 -6.74
N LEU A 20 -11.91 -2.65 -7.03
CA LEU A 20 -11.65 -3.65 -6.00
C LEU A 20 -10.33 -3.43 -5.26
N SER A 21 -9.46 -2.56 -5.78
CA SER A 21 -8.09 -2.38 -5.28
C SER A 21 -8.15 -1.86 -3.83
N ILE A 22 -7.24 -2.34 -2.98
CA ILE A 22 -7.09 -1.73 -1.66
C ILE A 22 -6.91 -0.22 -1.82
N ALA A 23 -6.07 0.21 -2.76
CA ALA A 23 -5.87 1.65 -2.95
C ALA A 23 -7.18 2.41 -3.25
N TYR A 24 -8.14 1.73 -3.93
CA TYR A 24 -9.43 2.36 -4.18
C TYR A 24 -10.28 2.52 -2.91
N GLY A 25 -10.30 1.50 -2.04
CA GLY A 25 -11.02 1.63 -0.76
C GLY A 25 -10.39 2.69 0.11
N ILE A 26 -9.06 2.82 -0.01
CA ILE A 26 -8.35 3.90 0.74
C ILE A 26 -8.75 5.27 0.19
N ALA A 27 -8.71 5.40 -1.13
CA ALA A 27 -9.20 6.65 -1.79
C ALA A 27 -10.59 7.04 -1.31
N GLN A 28 -11.46 6.05 -1.28
CA GLN A 28 -12.87 6.28 -0.92
C GLN A 28 -12.96 6.83 0.49
N ALA A 29 -12.21 6.25 1.43
CA ALA A 29 -12.31 6.67 2.86
C ALA A 29 -11.76 8.06 3.07
N LEU A 30 -10.59 8.33 2.49
CA LEU A 30 -9.99 9.66 2.65
C LEU A 30 -10.91 10.73 2.02
N HIS A 31 -11.37 10.46 0.80
CA HIS A 31 -12.36 11.38 0.15
C HIS A 31 -13.64 11.64 0.93
N ARG A 32 -14.17 10.62 1.61
CA ARG A 32 -15.38 10.74 2.38
C ARG A 32 -15.19 11.76 3.54
N GLU A 33 -13.97 11.86 4.08
CA GLU A 33 -13.63 12.80 5.16
C GLU A 33 -12.95 14.04 4.65
N GLY A 34 -13.16 14.35 3.37
CA GLY A 34 -12.82 15.72 2.90
C GLY A 34 -11.54 15.83 2.14
N ALA A 35 -10.73 14.77 2.05
CA ALA A 35 -9.46 14.88 1.30
C ALA A 35 -9.60 15.07 -0.17
N GLU A 36 -8.69 15.87 -0.71
CA GLU A 36 -8.50 16.01 -2.09
C GLU A 36 -7.42 15.06 -2.52
N LEU A 37 -7.61 14.43 -3.65
CA LEU A 37 -6.75 13.31 -4.09
C LEU A 37 -6.03 13.53 -5.40
N ALA A 38 -4.85 12.91 -5.50
CA ALA A 38 -4.13 12.75 -6.75
C ALA A 38 -3.78 11.29 -6.93
N PHE A 39 -3.54 10.87 -8.19
CA PHE A 39 -3.36 9.43 -8.51
C PHE A 39 -2.26 9.21 -9.46
N THR A 40 -1.62 8.04 -9.35
CA THR A 40 -0.60 7.61 -10.30
C THR A 40 -1.10 6.39 -11.08
N TYR A 41 -0.50 6.20 -12.26
CA TYR A 41 -0.75 5.01 -13.05
C TYR A 41 0.55 4.42 -13.55
N PRO A 42 0.64 3.08 -13.63
CA PRO A 42 1.92 2.43 -13.93
C PRO A 42 2.29 2.32 -15.42
N ASN A 43 1.30 2.49 -16.28
CA ASN A 43 1.47 2.28 -17.73
C ASN A 43 0.34 2.89 -18.50
N GLU A 44 0.55 3.01 -19.82
CA GLU A 44 -0.46 3.55 -20.75
C GLU A 44 -1.88 2.92 -20.67
N LYS A 45 -1.96 1.59 -20.67
CA LYS A 45 -3.24 0.88 -20.58
C LYS A 45 -4.04 1.25 -19.32
N LEU A 46 -3.33 1.27 -18.18
CA LEU A 46 -3.95 1.73 -16.95
C LEU A 46 -4.33 3.21 -16.87
N LYS A 47 -3.72 4.04 -17.71
CA LYS A 47 -3.96 5.50 -17.73
C LYS A 47 -5.45 5.82 -17.88
N LYS A 48 -6.08 5.16 -18.85
CA LYS A 48 -7.50 5.36 -19.13
C LYS A 48 -8.38 5.00 -17.92
N ARG A 49 -8.06 3.91 -17.24
CA ARG A 49 -8.88 3.53 -16.07
C ARG A 49 -8.67 4.48 -14.88
N VAL A 50 -7.41 4.87 -14.64
CA VAL A 50 -7.10 5.72 -13.49
C VAL A 50 -7.68 7.13 -13.74
N ASP A 51 -7.58 7.65 -14.97
CA ASP A 51 -8.32 8.88 -15.36
C ASP A 51 -9.82 8.89 -14.92
N GLU A 52 -10.53 7.81 -15.25
CA GLU A 52 -11.94 7.64 -14.86
C GLU A 52 -12.18 7.57 -13.35
N PHE A 53 -11.38 6.73 -12.66
CA PHE A 53 -11.44 6.62 -11.21
C PHE A 53 -11.19 7.94 -10.51
N ALA A 54 -10.13 8.66 -10.93
CA ALA A 54 -9.84 10.00 -10.36
C ALA A 54 -11.03 10.95 -10.49
N GLU A 55 -11.59 10.98 -11.72
CA GLU A 55 -12.74 11.82 -12.02
C GLU A 55 -13.87 11.55 -11.04
N GLN A 56 -14.05 10.27 -10.69
CA GLN A 56 -15.06 9.84 -9.69
C GLN A 56 -14.86 10.43 -8.28
N PHE A 57 -13.60 10.75 -7.93
CA PHE A 57 -13.24 11.39 -6.65
C PHE A 57 -13.10 12.89 -6.85
N GLY A 58 -13.43 13.36 -8.05
CA GLY A 58 -13.36 14.76 -8.38
C GLY A 58 -11.95 15.28 -8.56
N SER A 59 -11.07 14.45 -9.09
CA SER A 59 -9.68 14.84 -9.29
C SER A 59 -9.29 14.78 -10.76
N LYS A 60 -8.61 15.83 -11.22
CA LYS A 60 -7.93 15.82 -12.52
C LYS A 60 -6.42 15.60 -12.35
N LEU A 61 -5.96 15.27 -11.14
CA LEU A 61 -4.49 15.10 -10.91
C LEU A 61 -3.99 13.66 -11.08
N VAL A 62 -3.55 13.32 -12.31
CA VAL A 62 -3.22 11.92 -12.63
C VAL A 62 -1.88 11.89 -13.33
N PHE A 63 -0.91 11.13 -12.78
CA PHE A 63 0.50 11.16 -13.26
C PHE A 63 1.05 9.77 -13.53
N PRO A 64 1.89 9.62 -14.59
CA PRO A 64 2.54 8.33 -14.78
C PRO A 64 3.54 8.09 -13.63
N CYS A 65 3.57 6.86 -13.10
CA CYS A 65 4.60 6.46 -12.15
C CYS A 65 4.82 4.96 -12.18
N ASP A 66 5.68 4.53 -13.09
CA ASP A 66 6.17 3.19 -13.04
C ASP A 66 7.34 3.16 -12.07
N VAL A 67 7.16 2.47 -10.92
CA VAL A 67 8.20 2.60 -9.87
C VAL A 67 9.52 1.87 -10.15
N ALA A 68 9.54 1.07 -11.21
CA ALA A 68 10.79 0.51 -11.79
C ALA A 68 11.76 1.59 -12.33
N VAL A 69 11.24 2.78 -12.61
CA VAL A 69 12.01 3.87 -13.27
C VAL A 69 12.20 5.07 -12.38
N ASP A 70 13.46 5.36 -12.06
CA ASP A 70 13.80 6.53 -11.19
C ASP A 70 13.17 7.84 -11.68
N ALA A 71 13.35 8.07 -12.99
CA ALA A 71 12.87 9.26 -13.66
C ALA A 71 11.38 9.44 -13.55
N GLU A 72 10.62 8.36 -13.60
CA GLU A 72 9.17 8.50 -13.47
C GLU A 72 8.74 8.83 -12.05
N ILE A 73 9.31 8.16 -11.07
CA ILE A 73 9.13 8.63 -9.65
C ILE A 73 9.44 10.14 -9.47
N ASP A 74 10.65 10.55 -9.84
CA ASP A 74 11.04 11.96 -9.70
C ASP A 74 10.10 12.92 -10.40
N ASN A 75 9.82 12.63 -11.66
CA ASN A 75 8.86 13.42 -12.46
C ASN A 75 7.43 13.46 -11.93
N ALA A 76 6.98 12.38 -11.30
CA ALA A 76 5.64 12.37 -10.73
C ALA A 76 5.54 13.40 -9.64
N PHE A 77 6.53 13.45 -8.75
CA PHE A 77 6.45 14.44 -7.70
C PHE A 77 6.73 15.87 -8.17
N ALA A 78 7.51 15.99 -9.23
CA ALA A 78 7.81 17.31 -9.86
C ALA A 78 6.53 17.88 -10.48
N GLU A 79 5.77 17.02 -11.17
CA GLU A 79 4.50 17.41 -11.77
C GLU A 79 3.47 17.74 -10.66
N LEU A 80 3.43 16.90 -9.63
CA LEU A 80 2.55 17.18 -8.52
C LEU A 80 2.74 18.58 -7.88
N ALA A 81 3.99 18.98 -7.70
CA ALA A 81 4.35 20.29 -7.10
C ALA A 81 3.95 21.48 -8.01
N LYS A 82 3.65 21.23 -9.28
CA LYS A 82 3.06 22.32 -10.12
C LYS A 82 1.63 22.60 -9.73
N HIS A 83 0.99 21.64 -9.04
CA HIS A 83 -0.38 21.78 -8.59
C HIS A 83 -0.60 21.99 -7.08
N TRP A 84 0.23 21.36 -6.27
CA TRP A 84 0.06 21.40 -4.84
C TRP A 84 1.27 21.99 -4.17
N ASP A 85 1.06 22.88 -3.23
CA ASP A 85 2.26 23.43 -2.55
C ASP A 85 2.71 22.60 -1.34
N GLY A 86 1.96 21.55 -1.04
CA GLY A 86 2.45 20.64 0.03
C GLY A 86 1.57 19.39 -0.03
N VAL A 87 2.05 18.30 0.55
CA VAL A 87 1.23 17.10 0.57
C VAL A 87 1.04 16.53 1.98
N ASP A 88 -0.21 16.21 2.33
CA ASP A 88 -0.52 15.69 3.69
C ASP A 88 -0.24 14.19 3.82
N GLY A 89 -0.08 13.51 2.69
CA GLY A 89 0.15 12.10 2.74
C GLY A 89 0.40 11.44 1.42
N VAL A 90 1.20 10.37 1.44
CA VAL A 90 1.41 9.52 0.20
C VAL A 90 1.10 8.07 0.60
N VAL A 91 0.19 7.47 -0.18
CA VAL A 91 -0.23 6.09 0.03
C VAL A 91 0.40 5.22 -1.07
N HIS A 92 1.18 4.24 -0.62
CA HIS A 92 1.91 3.32 -1.50
C HIS A 92 1.21 1.96 -1.36
N SER A 93 0.46 1.58 -2.40
CA SER A 93 -0.30 0.35 -2.36
C SER A 93 0.00 -0.41 -3.65
N ILE A 94 1.22 -0.98 -3.70
CA ILE A 94 1.92 -1.44 -4.94
C ILE A 94 2.71 -2.70 -4.58
N GLY A 95 2.56 -3.75 -5.37
CA GLY A 95 3.35 -4.95 -5.19
C GLY A 95 3.41 -5.66 -6.53
N PHE A 96 4.48 -6.43 -6.71
CA PHE A 96 4.71 -7.25 -7.90
C PHE A 96 5.89 -8.22 -7.72
N ALA A 97 5.75 -9.43 -8.27
CA ALA A 97 6.81 -10.39 -8.39
C ALA A 97 6.41 -11.18 -9.66
N PRO A 98 7.38 -11.67 -10.42
CA PRO A 98 7.01 -12.42 -11.63
C PRO A 98 6.19 -13.63 -11.23
N ALA A 99 5.20 -13.93 -12.05
CA ALA A 99 4.24 -14.96 -11.70
C ALA A 99 4.88 -16.30 -11.29
N HIS A 100 5.97 -16.70 -11.96
CA HIS A 100 6.57 -18.03 -11.75
C HIS A 100 7.17 -18.19 -10.34
N THR A 101 7.59 -17.07 -9.76
CA THR A 101 8.16 -17.08 -8.41
C THR A 101 7.10 -17.48 -7.36
N LEU A 102 5.80 -17.36 -7.69
CA LEU A 102 4.71 -17.57 -6.73
C LEU A 102 3.97 -18.86 -6.97
N ASP A 103 4.56 -19.71 -7.78
CA ASP A 103 3.89 -20.92 -8.13
C ASP A 103 4.83 -22.08 -8.12
N GLY A 104 4.92 -22.70 -6.99
CA GLY A 104 5.79 -23.85 -6.86
C GLY A 104 6.64 -23.75 -5.63
N ASP A 105 7.54 -24.72 -5.52
CA ASP A 105 8.46 -24.78 -4.36
C ASP A 105 9.37 -23.58 -4.26
N PHE A 106 9.42 -22.94 -3.09
CA PHE A 106 10.22 -21.72 -2.91
C PHE A 106 11.68 -21.88 -3.34
N THR A 107 12.35 -22.94 -2.89
CA THR A 107 13.76 -23.13 -3.18
C THR A 107 13.99 -23.22 -4.71
N ASP A 108 13.18 -24.03 -5.37
CA ASP A 108 13.34 -24.21 -6.86
C ASP A 108 13.07 -22.96 -7.73
N VAL A 109 12.07 -22.18 -7.37
CA VAL A 109 11.49 -21.13 -8.29
C VAL A 109 11.98 -19.69 -8.01
N THR A 110 12.72 -19.48 -6.91
CA THR A 110 13.15 -18.12 -6.56
C THR A 110 14.51 -17.92 -7.22
N ASP A 111 14.46 -17.44 -8.46
CA ASP A 111 15.69 -17.14 -9.21
C ASP A 111 16.16 -15.69 -8.89
N ARG A 112 17.39 -15.31 -9.27
CA ARG A 112 17.91 -13.97 -8.99
C ARG A 112 17.09 -12.81 -9.51
N ASP A 113 16.73 -12.87 -10.78
CA ASP A 113 15.97 -11.78 -11.34
C ASP A 113 14.56 -11.67 -10.72
N GLY A 114 13.94 -12.80 -10.37
CA GLY A 114 12.62 -12.78 -9.81
C GLY A 114 12.68 -12.17 -8.41
N PHE A 115 13.67 -12.60 -7.66
CA PHE A 115 14.01 -11.98 -6.34
C PHE A 115 14.21 -10.47 -6.52
N LYS A 116 15.02 -10.10 -7.52
CA LYS A 116 15.36 -8.69 -7.74
C LYS A 116 14.11 -7.83 -8.00
N ILE A 117 13.28 -8.24 -8.97
CA ILE A 117 12.06 -7.57 -9.30
C ILE A 117 11.12 -7.50 -8.09
N ALA A 118 10.93 -8.61 -7.36
CA ALA A 118 9.95 -8.54 -6.25
C ALA A 118 10.37 -7.51 -5.22
N HIS A 119 11.65 -7.48 -4.88
CA HIS A 119 12.14 -6.47 -3.90
C HIS A 119 12.12 -5.04 -4.44
N ASP A 120 12.45 -4.92 -5.73
CA ASP A 120 12.60 -3.63 -6.36
C ASP A 120 11.22 -2.96 -6.38
N ILE A 121 10.22 -3.69 -6.88
CA ILE A 121 8.86 -3.13 -6.98
C ILE A 121 8.15 -3.05 -5.64
N SER A 122 8.33 -4.03 -4.77
CA SER A 122 7.42 -4.13 -3.65
C SER A 122 7.99 -3.46 -2.41
N ALA A 123 9.30 -3.18 -2.38
CA ALA A 123 9.95 -2.64 -1.13
C ALA A 123 10.79 -1.43 -1.48
N TYR A 124 11.78 -1.59 -2.38
CA TYR A 124 12.55 -0.39 -2.74
C TYR A 124 11.67 0.83 -3.09
N SER A 125 10.63 0.61 -3.90
CA SER A 125 9.80 1.68 -4.44
C SER A 125 9.23 2.55 -3.34
N PHE A 126 8.91 1.98 -2.17
CA PHE A 126 8.41 2.80 -1.06
C PHE A 126 9.45 3.86 -0.58
N VAL A 127 10.71 3.42 -0.44
CA VAL A 127 11.81 4.27 0.01
C VAL A 127 12.05 5.34 -1.10
N ALA A 128 11.97 4.92 -2.36
CA ALA A 128 12.19 5.91 -3.46
C ALA A 128 11.08 6.96 -3.50
N MET A 129 9.82 6.52 -3.35
CA MET A 129 8.70 7.44 -3.25
C MET A 129 8.81 8.35 -2.07
N ALA A 130 9.32 7.82 -0.93
CA ALA A 130 9.46 8.66 0.26
C ALA A 130 10.52 9.74 0.03
N ARG A 131 11.62 9.40 -0.60
CA ARG A 131 12.64 10.41 -0.90
C ARG A 131 12.13 11.54 -1.82
N ALA A 132 11.49 11.13 -2.89
CA ALA A 132 10.96 12.04 -3.90
C ALA A 132 9.84 12.94 -3.30
N ALA A 133 9.01 12.38 -2.42
CA ALA A 133 7.97 13.11 -1.70
C ALA A 133 8.44 14.02 -0.61
N LYS A 134 9.68 13.86 -0.15
CA LYS A 134 10.12 14.55 1.10
C LYS A 134 9.86 16.08 1.10
N PRO A 135 10.26 16.82 0.01
CA PRO A 135 9.98 18.26 0.11
C PRO A 135 8.49 18.59 0.28
N LEU A 136 7.62 17.93 -0.48
CA LEU A 136 6.19 18.21 -0.34
C LEU A 136 5.60 17.76 0.99
N LEU A 137 6.10 16.63 1.52
CA LEU A 137 5.64 16.20 2.88
C LEU A 137 6.12 17.14 4.00
N GLN A 138 7.36 17.66 3.84
CA GLN A 138 7.93 18.59 4.84
C GLN A 138 7.08 19.86 4.96
N ALA A 139 6.60 20.32 3.81
CA ALA A 139 5.70 21.47 3.73
C ALA A 139 4.48 21.42 4.65
N ARG A 140 3.93 20.22 4.86
CA ARG A 140 2.69 20.07 5.66
C ARG A 140 2.85 19.09 6.85
N GLN A 141 4.11 18.73 7.17
CA GLN A 141 4.38 17.56 8.02
C GLN A 141 3.49 16.37 7.65
N GLY A 142 3.49 16.00 6.35
CA GLY A 142 2.67 14.90 5.82
C GLY A 142 3.15 13.51 6.28
N CYS A 143 2.31 12.49 6.06
CA CYS A 143 2.69 11.11 6.42
C CYS A 143 2.87 10.16 5.19
N LEU A 144 3.45 8.96 5.43
CA LEU A 144 3.56 7.92 4.43
C LEU A 144 2.84 6.66 4.96
N LEU A 145 2.27 5.89 4.03
CA LEU A 145 1.53 4.65 4.42
C LEU A 145 1.81 3.66 3.34
N THR A 146 2.07 2.41 3.72
CA THR A 146 2.19 1.34 2.74
C THR A 146 1.42 0.14 3.25
N LEU A 147 1.34 -0.87 2.39
CA LEU A 147 0.59 -2.07 2.66
C LEU A 147 1.48 -3.32 2.71
N THR A 148 1.24 -4.17 3.70
CA THR A 148 2.04 -5.37 3.80
C THR A 148 1.15 -6.57 4.09
N TYR A 149 1.74 -7.76 4.20
CA TYR A 149 0.96 -9.02 4.40
C TYR A 149 1.76 -9.84 5.40
N GLN A 150 1.04 -10.54 6.28
CA GLN A 150 1.71 -11.39 7.29
C GLN A 150 2.64 -12.53 6.80
N GLY A 151 2.59 -12.82 5.49
CA GLY A 151 3.58 -13.74 4.90
C GLY A 151 5.03 -13.22 5.05
N SER A 152 5.21 -11.99 5.53
CA SER A 152 6.55 -11.53 5.92
C SER A 152 7.03 -12.25 7.19
N GLU A 153 6.11 -12.54 8.13
CA GLU A 153 6.51 -13.06 9.44
C GLU A 153 6.26 -14.54 9.62
N ARG A 154 5.27 -15.09 8.92
CA ARG A 154 5.05 -16.55 8.91
C ARG A 154 4.84 -17.03 7.49
N VAL A 155 5.24 -18.26 7.24
CA VAL A 155 5.23 -18.80 5.89
C VAL A 155 3.77 -18.99 5.42
N MET A 156 3.47 -18.44 4.24
CA MET A 156 2.18 -18.65 3.59
C MET A 156 2.44 -19.37 2.25
N PRO A 157 1.55 -20.34 1.89
CA PRO A 157 1.77 -21.15 0.69
C PRO A 157 1.86 -20.27 -0.54
N ASN A 158 2.85 -20.53 -1.40
CA ASN A 158 3.11 -19.78 -2.65
C ASN A 158 3.22 -18.25 -2.51
N TYR A 159 3.39 -17.74 -1.30
CA TYR A 159 3.69 -16.33 -1.16
C TYR A 159 5.18 -16.15 -1.43
N ASN A 160 6.02 -17.10 -0.97
CA ASN A 160 7.39 -17.21 -1.46
C ASN A 160 8.19 -15.91 -1.37
N VAL A 161 8.90 -15.57 -2.45
CA VAL A 161 9.77 -14.37 -2.40
C VAL A 161 8.98 -13.07 -2.03
N MET A 162 7.66 -13.02 -2.27
CA MET A 162 6.87 -11.81 -1.78
C MET A 162 6.99 -11.72 -0.25
N GLY A 163 7.14 -12.87 0.43
CA GLY A 163 7.30 -12.82 1.94
C GLY A 163 8.63 -12.13 2.32
N MET A 164 9.68 -12.43 1.56
CA MET A 164 10.97 -11.74 1.74
C MET A 164 10.87 -10.22 1.47
N ALA A 165 10.24 -9.89 0.36
CA ALA A 165 10.08 -8.48 -0.01
C ALA A 165 9.24 -7.71 0.95
N LYS A 166 8.18 -8.34 1.46
CA LYS A 166 7.39 -7.68 2.52
C LYS A 166 8.16 -7.51 3.86
N ALA A 167 9.02 -8.47 4.22
CA ALA A 167 9.85 -8.31 5.42
C ALA A 167 10.80 -7.10 5.21
N SER A 168 11.35 -6.97 4.01
CA SER A 168 12.20 -5.83 3.63
C SER A 168 11.43 -4.50 3.70
N LEU A 169 10.20 -4.48 3.17
CA LEU A 169 9.33 -3.29 3.22
C LEU A 169 9.03 -2.86 4.69
N GLU A 170 8.64 -3.81 5.55
CA GLU A 170 8.39 -3.51 6.96
C GLU A 170 9.66 -2.95 7.66
N ALA A 171 10.84 -3.51 7.39
CA ALA A 171 12.08 -2.92 7.96
C ALA A 171 12.25 -1.48 7.39
N GLY A 172 11.95 -1.31 6.09
CA GLY A 172 11.94 0.07 5.48
C GLY A 172 11.03 1.05 6.21
N VAL A 173 9.83 0.57 6.63
CA VAL A 173 8.87 1.43 7.30
C VAL A 173 9.62 1.92 8.58
N ARG A 174 10.32 1.01 9.27
CA ARG A 174 11.01 1.48 10.49
C ARG A 174 12.18 2.44 10.19
N TYR A 175 12.98 2.10 9.19
CA TYR A 175 14.10 2.99 8.83
C TYR A 175 13.61 4.38 8.35
N LEU A 176 12.61 4.40 7.48
CA LEU A 176 11.93 5.67 7.10
C LEU A 176 11.40 6.46 8.25
N ALA A 177 10.71 5.76 9.20
CA ALA A 177 10.15 6.47 10.34
C ALA A 177 11.21 7.19 11.16
N SER A 178 12.35 6.51 11.39
CA SER A 178 13.49 7.09 12.12
C SER A 178 14.14 8.24 11.34
N SER A 179 14.27 8.10 10.03
CA SER A 179 14.88 9.15 9.19
C SER A 179 14.02 10.40 9.10
N LEU A 180 12.73 10.21 8.81
CA LEU A 180 11.78 11.31 8.57
C LEU A 180 11.08 11.91 9.77
N GLY A 181 11.15 11.19 10.91
CA GLY A 181 10.44 11.59 12.12
C GLY A 181 10.89 12.93 12.66
N VAL A 182 12.14 13.31 12.38
CA VAL A 182 12.64 14.56 12.92
C VAL A 182 11.90 15.76 12.30
N ASP A 183 11.46 15.56 11.06
CA ASP A 183 10.65 16.50 10.32
C ASP A 183 9.14 16.40 10.61
N GLY A 184 8.73 15.58 11.59
CA GLY A 184 7.34 15.32 11.93
C GLY A 184 6.56 14.47 10.91
N ILE A 185 7.27 13.81 10.02
CA ILE A 185 6.67 12.92 8.96
C ILE A 185 6.56 11.53 9.58
N ARG A 186 5.33 11.05 9.72
CA ARG A 186 5.08 9.69 10.27
C ARG A 186 5.05 8.71 9.13
N VAL A 187 5.41 7.45 9.42
CA VAL A 187 5.53 6.46 8.33
C VAL A 187 4.93 5.20 8.98
N ASN A 188 3.86 4.67 8.39
CA ASN A 188 3.25 3.44 8.94
C ASN A 188 2.86 2.43 7.85
N ALA A 189 2.42 1.21 8.25
CA ALA A 189 1.90 0.24 7.29
C ALA A 189 0.66 -0.41 7.85
N ILE A 190 -0.18 -0.87 6.95
CA ILE A 190 -1.28 -1.76 7.36
C ILE A 190 -0.94 -3.13 6.84
N SER A 191 -1.05 -4.14 7.71
CA SER A 191 -0.93 -5.51 7.27
C SER A 191 -2.35 -6.01 7.12
N ALA A 192 -2.80 -6.09 5.85
CA ALA A 192 -4.18 -6.52 5.60
C ALA A 192 -4.34 -8.05 5.51
N GLY A 193 -5.51 -8.53 5.94
CA GLY A 193 -5.98 -9.84 5.64
C GLY A 193 -6.21 -10.00 4.14
N PRO A 194 -6.37 -11.25 3.71
CA PRO A 194 -6.68 -11.51 2.27
C PRO A 194 -7.93 -10.80 1.80
N ILE A 195 -7.78 -10.15 0.66
CA ILE A 195 -8.92 -9.44 0.01
C ILE A 195 -8.89 -9.73 -1.49
N ARG A 196 -10.06 -10.04 -2.05
CA ARG A 196 -10.11 -10.44 -3.47
C ARG A 196 -9.85 -9.26 -4.42
N THR A 197 -8.60 -9.05 -4.79
CA THR A 197 -8.29 -7.91 -5.71
C THR A 197 -7.80 -8.49 -7.02
N LEU A 198 -7.45 -7.67 -8.00
CA LEU A 198 -6.85 -8.18 -9.23
C LEU A 198 -5.54 -8.91 -8.95
N ALA A 199 -4.63 -8.32 -8.14
CA ALA A 199 -3.39 -9.06 -7.85
C ALA A 199 -3.67 -10.39 -7.15
N ALA A 200 -4.68 -10.42 -6.26
CA ALA A 200 -5.05 -11.66 -5.53
C ALA A 200 -5.35 -12.84 -6.47
N SER A 201 -6.07 -12.57 -7.57
CA SER A 201 -6.23 -13.57 -8.61
C SER A 201 -4.81 -13.63 -9.16
N GLY A 202 -4.22 -14.79 -9.36
CA GLY A 202 -2.79 -14.76 -9.69
C GLY A 202 -1.85 -15.25 -8.59
N ILE A 203 -2.35 -15.32 -7.34
CA ILE A 203 -1.70 -16.17 -6.35
C ILE A 203 -2.52 -17.43 -6.12
N LYS A 204 -1.95 -18.61 -6.46
CA LYS A 204 -2.77 -19.85 -6.59
C LYS A 204 -3.32 -20.33 -5.25
N SER A 205 -2.69 -19.93 -4.15
CA SER A 205 -3.14 -20.31 -2.78
C SER A 205 -4.13 -19.31 -2.19
N PHE A 206 -4.54 -18.30 -2.99
CA PHE A 206 -5.33 -17.21 -2.41
C PHE A 206 -6.66 -17.69 -1.89
N ARG A 207 -7.37 -18.51 -2.67
CA ARG A 207 -8.71 -19.01 -2.16
C ARG A 207 -8.55 -19.72 -0.82
N LYS A 208 -7.50 -20.52 -0.68
CA LYS A 208 -7.19 -21.25 0.60
C LYS A 208 -6.90 -20.28 1.74
N MET A 209 -6.14 -19.21 1.46
CA MET A 209 -5.87 -18.18 2.45
C MET A 209 -7.12 -17.46 2.87
N LEU A 210 -7.97 -17.12 1.91
CA LEU A 210 -9.21 -16.42 2.20
C LEU A 210 -10.11 -17.34 3.06
N ASP A 211 -10.21 -18.61 2.69
CA ASP A 211 -11.08 -19.56 3.47
C ASP A 211 -10.53 -19.79 4.91
N ALA A 212 -9.21 -19.96 5.00
CA ALA A 212 -8.54 -20.10 6.35
C ALA A 212 -8.82 -18.88 7.20
N ASN A 213 -8.70 -17.69 6.61
CA ASN A 213 -8.93 -16.45 7.40
C ASN A 213 -10.37 -16.36 7.91
N GLU A 214 -11.33 -16.78 7.09
CA GLU A 214 -12.75 -16.84 7.49
C GLU A 214 -13.05 -17.84 8.61
N LYS A 215 -12.41 -18.98 8.56
CA LYS A 215 -12.62 -20.08 9.52
C LYS A 215 -11.90 -19.87 10.88
N VAL A 216 -10.77 -19.20 10.84
CA VAL A 216 -9.81 -19.14 11.94
C VAL A 216 -9.82 -17.78 12.66
N ALA A 217 -10.03 -16.70 11.89
CA ALA A 217 -9.99 -15.36 12.49
C ALA A 217 -10.97 -15.22 13.65
N PRO A 218 -10.58 -14.55 14.74
CA PRO A 218 -11.52 -14.38 15.81
C PRO A 218 -12.93 -13.85 15.42
N LEU A 219 -13.01 -12.94 14.44
CA LEU A 219 -14.34 -12.40 14.08
C LEU A 219 -15.03 -13.37 13.08
N LYS A 220 -14.32 -14.40 12.62
CA LYS A 220 -14.89 -15.47 11.74
C LYS A 220 -15.50 -14.91 10.47
N ARG A 221 -14.77 -13.98 9.86
CA ARG A 221 -15.20 -13.47 8.58
C ARG A 221 -13.99 -12.80 7.96
N ASN A 222 -14.06 -12.56 6.66
CA ASN A 222 -12.99 -11.83 5.97
C ASN A 222 -13.13 -10.32 6.13
N VAL A 223 -12.01 -9.60 5.98
CA VAL A 223 -12.03 -8.13 6.09
C VAL A 223 -12.35 -7.54 4.71
N THR A 224 -12.72 -6.25 4.69
CA THR A 224 -13.13 -5.56 3.42
C THR A 224 -12.18 -4.43 3.09
N ILE A 225 -12.15 -3.95 1.85
CA ILE A 225 -11.41 -2.70 1.55
C ILE A 225 -11.95 -1.48 2.31
N GLU A 226 -13.21 -1.50 2.77
CA GLU A 226 -13.76 -0.43 3.58
C GLU A 226 -13.10 -0.41 4.96
N GLU A 227 -12.89 -1.59 5.48
CA GLU A 227 -12.20 -1.72 6.78
C GLU A 227 -10.68 -1.36 6.69
N VAL A 228 -10.07 -1.79 5.63
CA VAL A 228 -8.71 -1.39 5.34
C VAL A 228 -8.65 0.13 5.05
N GLY A 229 -9.64 0.65 4.30
CA GLY A 229 -9.68 2.10 4.00
C GLY A 229 -9.83 2.94 5.24
N ASN A 230 -10.73 2.53 6.11
CA ASN A 230 -10.93 3.20 7.37
C ASN A 230 -9.72 3.22 8.30
N ALA A 231 -9.01 2.11 8.37
CA ALA A 231 -7.79 2.07 9.15
C ALA A 231 -6.77 3.03 8.47
N ALA A 232 -6.76 3.08 7.13
CA ALA A 232 -5.81 3.92 6.42
C ALA A 232 -6.08 5.39 6.67
N LEU A 233 -7.37 5.74 6.63
CA LEU A 233 -7.86 7.05 7.05
C LEU A 233 -7.37 7.44 8.47
N PHE A 234 -7.51 6.53 9.42
CA PHE A 234 -7.00 6.83 10.78
C PHE A 234 -5.51 7.10 10.77
N LEU A 235 -4.74 6.22 10.16
CA LEU A 235 -3.27 6.40 10.17
C LEU A 235 -2.84 7.60 9.36
N CYS A 236 -3.70 8.10 8.47
CA CYS A 236 -3.31 9.31 7.69
C CYS A 236 -3.83 10.58 8.33
N SER A 237 -4.45 10.47 9.51
CA SER A 237 -5.12 11.61 10.14
C SER A 237 -4.41 12.13 11.36
N PRO A 238 -4.82 13.36 11.83
CA PRO A 238 -4.26 13.84 13.10
C PRO A 238 -4.55 12.97 14.33
N TRP A 239 -5.56 12.09 14.28
CA TRP A 239 -5.83 11.20 15.41
C TRP A 239 -4.69 10.16 15.57
N ALA A 240 -3.90 10.00 14.52
CA ALA A 240 -2.75 9.08 14.65
C ALA A 240 -1.40 9.80 14.83
N SER A 241 -1.42 11.02 15.42
CA SER A 241 -0.21 11.87 15.48
C SER A 241 0.85 11.28 16.44
N GLY A 242 0.45 10.36 17.29
CA GLY A 242 1.45 9.72 18.16
C GLY A 242 1.99 8.40 17.64
N ILE A 243 1.65 8.05 16.39
CA ILE A 243 1.90 6.73 15.86
C ILE A 243 2.80 6.78 14.64
N THR A 244 3.99 6.16 14.77
CA THR A 244 4.89 6.06 13.61
C THR A 244 5.73 4.73 13.72
N GLY A 245 6.16 4.23 12.56
CA GLY A 245 6.86 2.98 12.45
C GLY A 245 6.00 1.76 12.77
N GLU A 246 4.67 1.92 12.76
CA GLU A 246 3.78 0.90 13.21
C GLU A 246 3.32 -0.01 12.03
N ILE A 247 3.10 -1.30 12.32
CA ILE A 247 2.43 -2.21 11.36
C ILE A 247 1.13 -2.53 12.05
N LEU A 248 0.03 -1.98 11.52
CA LEU A 248 -1.29 -2.22 12.03
C LEU A 248 -1.90 -3.37 11.28
N TYR A 249 -2.24 -4.44 12.03
CA TYR A 249 -2.98 -5.55 11.45
C TYR A 249 -4.47 -5.29 11.28
N VAL A 250 -4.93 -5.43 10.03
CA VAL A 250 -6.35 -5.31 9.72
C VAL A 250 -6.76 -6.62 9.03
N ASP A 251 -6.97 -7.67 9.89
CA ASP A 251 -7.10 -9.06 9.44
C ASP A 251 -8.06 -9.81 10.33
N ALA A 252 -8.92 -9.05 11.00
CA ALA A 252 -9.98 -9.66 11.85
C ALA A 252 -9.36 -10.49 12.95
N GLY A 253 -8.10 -10.23 13.27
CA GLY A 253 -7.41 -10.96 14.37
C GLY A 253 -6.73 -12.27 13.99
N PHE A 254 -6.73 -12.61 12.70
CA PHE A 254 -6.16 -13.81 12.25
C PHE A 254 -4.75 -14.09 12.77
N ASN A 255 -3.86 -13.09 12.66
CA ASN A 255 -2.44 -13.24 13.08
C ASN A 255 -2.28 -13.65 14.55
N THR A 256 -3.34 -13.46 15.37
CA THR A 256 -3.25 -13.77 16.81
C THR A 256 -3.58 -15.24 17.15
N VAL A 257 -4.01 -16.03 16.18
CA VAL A 257 -4.49 -17.40 16.47
C VAL A 257 -3.45 -18.44 16.00
N GLY A 258 -3.21 -19.46 16.83
CA GLY A 258 -2.14 -20.48 16.49
C GLY A 258 -2.71 -21.64 15.65
N MET A 259 -4.01 -21.88 15.84
CA MET A 259 -4.87 -22.85 15.10
C MET A 259 -6.27 -22.67 15.72
N SER A 260 -7.35 -22.78 14.94
CA SER A 260 -8.68 -22.56 15.56
C SER A 260 -9.13 -23.82 16.31
N GLN A 261 -10.29 -23.81 16.97
CA GLN A 261 -10.85 -25.07 17.47
C GLN A 261 -11.30 -26.00 16.30
N SER A 262 -10.40 -26.93 15.93
CA SER A 262 -10.56 -27.90 14.83
C SER A 262 -10.80 -27.27 13.46
PA NAD B . -4.16 -4.54 -6.90
O1A NAD B . -5.46 -3.85 -6.82
O2A NAD B . -4.02 -5.42 -8.09
O5B NAD B . -2.98 -3.50 -6.84
C5B NAD B . -1.62 -3.78 -7.10
C4B NAD B . -1.14 -2.48 -7.70
O4B NAD B . 0.28 -2.54 -7.84
C3B NAD B . -1.69 -2.27 -9.11
O3B NAD B . -2.29 -0.99 -9.17
C2B NAD B . -0.43 -2.25 -9.92
O2B NAD B . -0.60 -1.50 -11.12
C1B NAD B . 0.58 -1.72 -8.91
N9A NAD B . 1.91 -1.97 -9.48
C8A NAD B . 2.48 -3.13 -9.84
N7A NAD B . 3.71 -2.91 -10.45
C5A NAD B . 3.90 -1.59 -10.49
C6A NAD B . 4.95 -0.68 -11.01
N6A NAD B . 6.06 -1.17 -11.58
N1A NAD B . 4.72 0.63 -10.84
C2A NAD B . 3.62 1.14 -10.28
N3A NAD B . 2.61 0.34 -9.77
C4A NAD B . 2.72 -0.97 -9.88
O3 NAD B . -3.86 -5.41 -5.61
PN NAD B . -4.02 -5.05 -4.06
O1N NAD B . -4.31 -6.42 -3.47
O2N NAD B . -4.86 -3.89 -3.83
O5D NAD B . -2.47 -4.64 -3.78
C5D NAD B . -2.23 -3.52 -2.95
C4D NAD B . -1.12 -3.73 -1.91
O4D NAD B . -1.71 -4.50 -0.86
C3D NAD B . 0.07 -4.56 -2.39
O3D NAD B . 1.28 -4.15 -1.73
C2D NAD B . -0.29 -5.93 -1.83
O2D NAD B . 0.87 -6.70 -1.61
C1D NAD B . -0.85 -5.55 -0.49
N1N NAD B . -1.73 -6.57 0.11
C2N NAD B . -2.77 -7.11 -0.55
C3N NAD B . -3.63 -8.02 0.09
C7N NAD B . -4.81 -8.64 -0.61
O7N NAD B . -5.26 -9.66 -0.09
N7N NAD B . -5.39 -8.09 -1.73
C4N NAD B . -3.39 -8.33 1.45
C5N NAD B . -2.31 -7.72 2.10
C6N NAD B . -1.48 -6.83 1.43
C1 TCL C . -1.13 -10.66 -0.37
C2 TCL C . -2.35 -11.24 -0.70
C6 TCL C . -0.59 -9.78 -1.31
C5 TCL C . -1.26 -9.55 -2.61
C4 TCL C . -2.48 -10.15 -2.89
C3 TCL C . -2.99 -11.07 -1.95
C11 TCL C . 1.57 -9.94 -6.58
C10 TCL C . 1.29 -8.59 -6.53
C9 TCL C . 0.52 -8.16 -5.45
C8 TCL C . 0.06 -9.15 -4.47
C12 TCL C . 1.18 -10.91 -5.64
C13 TCL C . 0.41 -10.48 -4.55
O7 TCL C . -0.69 -8.64 -3.48
CL14 TCL C . -3.06 -12.47 0.38
CL15 TCL C . 2.50 -10.45 -7.98
CL16 TCL C . 0.05 -6.47 -5.31
O17 TCL C . 0.55 -9.16 -1.15
#